data_9PY6
#
_entry.id   9PY6
#
_cell.length_a   1.00
_cell.length_b   1.00
_cell.length_c   1.00
_cell.angle_alpha   90.00
_cell.angle_beta   90.00
_cell.angle_gamma   90.00
#
_symmetry.space_group_name_H-M   'P 1'
#
loop_
_entity.id
_entity.type
_entity.pdbx_description
1 polymer 'Sterol regulatory element-binding protein cleavage-activating protein'
2 polymer 'Fab4G10 heavy chain'
3 polymer 'Fab4G10 light chain'
4 branched 2-acetamido-2-deoxy-beta-D-glucopyranose-(1-4)-2-acetamido-2-deoxy-beta-D-glucopyranose
#
loop_
_entity_poly.entity_id
_entity_poly.type
_entity_poly.pdbx_seq_one_letter_code
_entity_poly.pdbx_strand_id
1 'polypeptide(L)'
;MDYKDDDDKGSDYKDDDDKGSDYKDDDDKENLYFQGTGHHHHHHHHTLTERLREKISQAFYNHGLLCASYPIPIILFTGL
CILACCYPLLKLPLPGTGPVEFSTPVKDYSPPPVDSDHKQGEPSEQPEWYVGAPVAYIQQIFVKSSVSPWHKNLLAVDVF
RLPLSRAFQLVEEIRNHALRDSSGVKSLEEVCLQVTDLLPGLRKLRNLLPEHGCLLLSPGNFWQNDWERFHADPDIIGTI
HQHEPKTLQTSATLKDLLFGVPGKYSGVSLYTRKRTVSYTITLVFQRYDSRFLSSLRSRLKLLHPSPNCSLRAENLVHVH
FKEEIGIAELIPLVTTYIILFAYIYFSTRKIDMVKSKWGLALAAVVTVLSSLLMSVGLCTLFGLTPTLNGGEIFPYLVVV
IGLENVLVLTKSVVSTPVDLEVKLRIAQGLSSESWSIMKNVATELGIILIGYFTLVPAIQEFCLFAVVGLVSDFFLQMFF
FTTVLSIDIRRMELADLNKRLPPESCLPSAKPVGRPARYERQLAVRPAMPHTITLQPSSFRNLRLPKRLRVIYFLARTRL
AQRLIMAGTVVWIGILVYTDPAGLRTYLAAQVTEQSPLGEGSLGPMPVPSGVLPASRPDPAFSIFPPDAPKLPENQTVPG
ELPEHAAPAEGVHDSRAPEVTWGPEDEELWRRLSFRHWPTLFNYYNITLAKRYISLLPVIPVTLRLNPQEALEGRQPQDG
RSAWAPPESLPAGLWEAGPKGPGGTQAHGDITLYKVAALGLAAGIVLVLLLLCLYRVLCPRNYGQPGGGAGRRRRGE
;
A
2 'polypeptide(L)'
;TGVHSEVQLQQSGAELVRPGASVKLSCTASGFKIKDDYIHWVKQRPEQGLEWIGRIDPANGHTRYAPKFQDKATITADTS
SNTAYLQLSSLTSEDTAVYYCTRYNDYDAFYFDYWGQGTTLTVSSASTKGPSVFPLAPSSKSTSGGTAALGCLVKDYFPE
PVTVSWNSGALTSGVHTFPAVLQSSGLYSLSSVVTVPSSSLGTQTYICNVNHKPSNTKVDKRVEPKSCDKTGSGATNFSL
LKQAGDVEENPG
;
H
3 'polypeptide(L)'
;TGVHSDIQMTQTTSSLSASLGDRVTISCRASQDIRNYLNWYQQKPDGTVKLLIYYTSRLHSGVPSRFSGSGSGTDYSLTI
SNLEQEDIATYFCQQTNTLPWTFGGGTKLEIKRTVAAPSVFIFPPSDEQLKSGTASVVCLLNNFYPREAKVQWKVDNALQ
SGNSQESVTEQDSKDSTYSLSSTLTLSKADYEKHKVYACEVTHQGLSSPVTKSFNRGECHHHHHHHHHH
;
L
#
loop_
_chem_comp.id
_chem_comp.type
_chem_comp.name
_chem_comp.formula
NAG D-saccharide, beta linking 2-acetamido-2-deoxy-beta-D-glucopyranose 'C8 H15 N O6'
#
# COMPACT_ATOMS: atom_id res chain seq x y z
N THR A 97 1.57 16.40 37.33
CA THR A 97 1.83 17.51 36.42
C THR A 97 2.74 17.07 35.28
N GLY A 98 2.18 16.33 34.34
CA GLY A 98 2.92 15.87 33.18
C GLY A 98 2.12 14.90 32.32
N PRO A 99 2.18 15.09 31.00
CA PRO A 99 1.49 14.15 30.10
C PRO A 99 2.37 12.99 29.68
N VAL A 100 1.76 11.95 29.10
CA VAL A 100 2.52 10.79 28.64
C VAL A 100 2.33 10.52 27.16
N GLU A 101 1.23 10.94 26.55
CA GLU A 101 0.99 10.69 25.13
C GLU A 101 0.77 12.02 24.41
N PHE A 102 1.08 12.01 23.12
CA PHE A 102 0.90 13.19 22.28
C PHE A 102 0.63 12.73 20.86
N SER A 103 -0.45 13.22 20.27
CA SER A 103 -0.88 12.81 18.94
C SER A 103 -0.79 13.97 17.97
N THR A 104 -0.22 13.72 16.79
CA THR A 104 -0.10 14.72 15.74
C THR A 104 -0.63 14.15 14.44
N PRO A 105 -1.22 14.99 13.58
CA PRO A 105 -1.78 14.51 12.33
C PRO A 105 -0.72 13.97 11.38
N VAL A 106 -1.14 13.01 10.56
CA VAL A 106 -0.24 12.42 9.56
C VAL A 106 -0.03 13.32 8.36
N LYS A 107 -0.95 14.26 8.12
CA LYS A 107 -0.97 15.02 6.87
C LYS A 107 0.37 15.70 6.60
N ASP A 108 0.87 16.45 7.57
CA ASP A 108 2.17 17.12 7.46
C ASP A 108 2.95 16.86 8.73
N TYR A 109 3.87 15.91 8.69
CA TYR A 109 4.62 15.52 9.87
C TYR A 109 6.11 15.70 9.61
N SER A 110 6.82 16.20 10.63
CA SER A 110 8.26 16.33 10.61
C SER A 110 8.74 16.35 12.05
N PRO A 111 9.80 15.63 12.39
CA PRO A 111 10.24 15.58 13.79
C PRO A 111 10.63 16.96 14.29
N PRO A 112 10.38 17.25 15.56
CA PRO A 112 10.73 18.57 16.11
C PRO A 112 12.23 18.77 16.11
N PRO A 113 12.68 20.02 16.04
CA PRO A 113 14.13 20.28 16.06
C PRO A 113 14.76 19.91 17.39
N VAL A 114 16.02 19.47 17.31
CA VAL A 114 16.70 18.97 18.51
C VAL A 114 17.06 20.13 19.45
N ASP A 115 17.62 21.21 18.91
CA ASP A 115 18.05 22.31 19.77
C ASP A 115 17.82 23.68 19.15
N SER A 116 16.90 23.81 18.19
CA SER A 116 16.68 25.11 17.57
C SER A 116 16.11 26.13 18.54
N ASP A 117 15.41 25.68 19.57
CA ASP A 117 14.86 26.55 20.60
C ASP A 117 15.48 26.20 21.94
N HIS A 118 16.17 27.18 22.55
CA HIS A 118 16.73 26.96 23.88
C HIS A 118 15.64 26.75 24.92
N LYS A 119 14.58 27.55 24.87
CA LYS A 119 13.46 27.43 25.78
C LYS A 119 12.17 27.47 24.97
N GLN A 120 11.38 26.40 25.07
CA GLN A 120 10.13 26.32 24.35
C GLN A 120 9.16 27.38 24.85
N GLY A 121 8.32 27.88 23.94
CA GLY A 121 7.33 28.88 24.28
C GLY A 121 6.44 28.46 25.44
N GLU A 122 6.12 29.40 26.32
CA GLU A 122 5.36 29.13 27.54
C GLU A 122 4.00 28.49 27.27
N PRO A 123 3.17 29.01 26.36
CA PRO A 123 1.87 28.39 26.10
C PRO A 123 1.89 27.28 25.07
N SER A 124 3.06 26.78 24.67
CA SER A 124 3.12 25.73 23.67
C SER A 124 2.50 24.44 24.20
N GLU A 125 1.68 23.81 23.38
CA GLU A 125 0.99 22.58 23.77
C GLU A 125 1.86 21.34 23.65
N GLN A 126 2.97 21.41 22.96
CA GLN A 126 3.85 20.25 22.81
C GLN A 126 4.52 19.95 24.15
N PRO A 127 4.49 18.69 24.61
CA PRO A 127 5.12 18.35 25.89
C PRO A 127 6.62 18.59 25.86
N GLU A 128 7.19 18.68 27.06
CA GLU A 128 8.60 19.01 27.20
C GLU A 128 9.52 17.90 26.70
N TRP A 129 9.02 16.67 26.63
CA TRP A 129 9.83 15.55 26.15
C TRP A 129 9.79 15.40 24.64
N TYR A 130 8.92 16.13 23.95
CA TYR A 130 8.77 16.03 22.50
C TYR A 130 9.78 16.98 21.85
N VAL A 131 11.03 16.55 21.82
CA VAL A 131 12.12 17.42 21.36
C VAL A 131 12.81 16.83 20.15
N GLY A 132 13.42 15.66 20.32
CA GLY A 132 14.23 15.05 19.28
C GLY A 132 13.45 14.08 18.42
N ALA A 133 14.18 13.40 17.53
CA ALA A 133 13.60 12.38 16.69
C ALA A 133 13.26 11.14 17.53
N PRO A 134 12.19 10.43 17.19
CA PRO A 134 11.82 9.24 17.97
C PRO A 134 12.86 8.14 17.82
N VAL A 135 12.87 7.24 18.80
CA VAL A 135 13.73 6.06 18.72
C VAL A 135 13.38 5.24 17.49
N ALA A 136 12.08 5.06 17.24
CA ALA A 136 11.63 4.28 16.11
C ALA A 136 10.15 4.55 15.87
N TYR A 137 9.73 4.38 14.62
CA TYR A 137 8.32 4.40 14.26
C TYR A 137 7.83 2.97 14.11
N ILE A 138 6.75 2.65 14.79
CA ILE A 138 6.22 1.29 14.84
C ILE A 138 5.01 1.20 13.92
N GLN A 139 5.10 0.32 12.92
CA GLN A 139 4.00 0.05 12.01
C GLN A 139 3.50 -1.36 12.24
N GLN A 140 2.19 -1.51 12.40
CA GLN A 140 1.56 -2.79 12.69
C GLN A 140 0.57 -3.12 11.58
N ILE A 141 0.67 -4.34 11.05
CA ILE A 141 -0.28 -4.85 10.07
C ILE A 141 -1.15 -5.85 10.81
N PHE A 142 -2.40 -5.48 11.07
CA PHE A 142 -3.33 -6.31 11.82
C PHE A 142 -4.02 -7.26 10.85
N VAL A 143 -3.79 -8.56 11.04
CA VAL A 143 -4.31 -9.59 10.14
C VAL A 143 -5.47 -10.29 10.83
N LYS A 144 -6.66 -10.13 10.26
CA LYS A 144 -7.85 -10.80 10.75
C LYS A 144 -8.43 -11.70 9.67
N SER A 145 -8.80 -12.91 10.07
CA SER A 145 -9.27 -13.91 9.13
C SER A 145 -10.53 -14.57 9.67
N SER A 146 -11.19 -15.33 8.82
CA SER A 146 -12.40 -16.05 9.21
C SER A 146 -12.56 -17.25 8.30
N VAL A 147 -13.34 -18.23 8.77
CA VAL A 147 -13.69 -19.42 8.01
C VAL A 147 -15.19 -19.36 7.75
N SER A 148 -15.58 -19.20 6.50
CA SER A 148 -16.98 -18.90 6.20
C SER A 148 -17.87 -20.13 6.38
N PRO A 149 -17.66 -21.25 5.65
CA PRO A 149 -18.54 -22.40 5.90
C PRO A 149 -18.00 -23.32 7.00
N TRP A 150 -17.95 -22.80 8.22
CA TRP A 150 -17.44 -23.56 9.34
C TRP A 150 -18.33 -24.77 9.61
N HIS A 151 -17.71 -25.93 9.82
CA HIS A 151 -18.44 -27.16 10.10
C HIS A 151 -17.76 -27.91 11.23
N LYS A 152 -18.33 -29.06 11.59
CA LYS A 152 -17.94 -29.76 12.80
C LYS A 152 -16.61 -30.48 12.68
N ASN A 153 -16.14 -30.76 11.46
CA ASN A 153 -14.93 -31.55 11.29
C ASN A 153 -13.65 -30.76 11.50
N LEU A 154 -13.73 -29.44 11.66
CA LEU A 154 -12.55 -28.64 11.96
C LEU A 154 -12.13 -28.83 13.41
N LEU A 155 -10.84 -28.65 13.67
CA LEU A 155 -10.29 -28.81 15.00
C LEU A 155 -9.52 -27.55 15.39
N ALA A 156 -9.13 -27.50 16.67
CA ALA A 156 -8.48 -26.31 17.21
C ALA A 156 -7.12 -26.05 16.59
N VAL A 157 -6.48 -27.08 16.02
CA VAL A 157 -5.20 -26.87 15.36
C VAL A 157 -5.39 -26.03 14.09
N ASP A 158 -6.50 -26.21 13.39
CA ASP A 158 -6.74 -25.48 12.14
C ASP A 158 -6.82 -23.97 12.40
N VAL A 159 -7.41 -23.58 13.53
CA VAL A 159 -7.63 -22.18 13.88
C VAL A 159 -6.30 -21.44 13.90
N PHE A 160 -5.22 -22.15 14.25
CA PHE A 160 -3.87 -21.59 14.20
C PHE A 160 -3.18 -21.84 12.88
N ARG A 161 -3.37 -23.00 12.26
CA ARG A 161 -2.60 -23.35 11.07
C ARG A 161 -3.02 -22.52 9.87
N LEU A 162 -4.32 -22.31 9.68
CA LEU A 162 -4.79 -21.62 8.49
C LEU A 162 -4.29 -20.18 8.40
N PRO A 163 -4.40 -19.34 9.44
CA PRO A 163 -3.87 -17.97 9.30
C PRO A 163 -2.36 -17.89 9.25
N LEU A 164 -1.67 -18.63 10.12
CA LEU A 164 -0.22 -18.56 10.19
C LEU A 164 0.45 -19.07 8.92
N SER A 165 -0.26 -19.85 8.10
CA SER A 165 0.30 -20.29 6.82
C SER A 165 0.48 -19.10 5.88
N ARG A 166 -0.46 -18.16 5.88
CA ARG A 166 -0.34 -16.97 5.06
C ARG A 166 0.67 -15.98 5.60
N ALA A 167 1.09 -16.14 6.86
CA ALA A 167 1.99 -15.18 7.48
C ALA A 167 3.35 -15.16 6.77
N PHE A 168 3.83 -16.32 6.33
CA PHE A 168 5.12 -16.37 5.67
C PHE A 168 5.09 -15.63 4.34
N GLN A 169 4.04 -15.85 3.54
CA GLN A 169 3.91 -15.12 2.28
C GLN A 169 3.74 -13.63 2.53
N LEU A 170 2.95 -13.26 3.54
CA LEU A 170 2.77 -11.83 3.83
C LEU A 170 4.08 -11.17 4.25
N VAL A 171 4.88 -11.86 5.07
CA VAL A 171 6.16 -11.32 5.50
C VAL A 171 7.10 -11.19 4.31
N GLU A 172 7.13 -12.20 3.43
CA GLU A 172 7.99 -12.12 2.26
C GLU A 172 7.57 -10.96 1.36
N GLU A 173 6.27 -10.77 1.18
CA GLU A 173 5.78 -9.67 0.36
C GLU A 173 6.17 -8.33 0.96
N ILE A 174 6.00 -8.18 2.27
CA ILE A 174 6.36 -6.93 2.94
C ILE A 174 7.86 -6.67 2.80
N ARG A 175 8.67 -7.70 2.99
CA ARG A 175 10.12 -7.54 2.91
C ARG A 175 10.56 -7.17 1.49
N ASN A 176 9.95 -7.77 0.48
CA ASN A 176 10.34 -7.52 -0.91
C ASN A 176 9.56 -6.39 -1.56
N HIS A 177 8.69 -5.71 -0.81
CA HIS A 177 7.95 -4.59 -1.38
C HIS A 177 8.91 -3.48 -1.80
N ALA A 178 8.63 -2.89 -2.96
CA ALA A 178 9.42 -1.79 -3.49
C ALA A 178 8.50 -0.77 -4.13
N LEU A 179 8.78 0.51 -3.92
CA LEU A 179 8.02 1.58 -4.54
C LEU A 179 8.54 1.79 -5.94
N ARG A 180 7.73 1.43 -6.94
CA ARG A 180 8.19 1.35 -8.33
C ARG A 180 8.40 2.72 -8.97
N ASP A 181 7.81 3.78 -8.41
CA ASP A 181 7.95 5.13 -8.95
C ASP A 181 8.41 6.08 -7.86
N SER A 182 9.46 5.67 -7.14
CA SER A 182 9.93 6.42 -5.98
C SER A 182 10.84 7.57 -6.39
N SER A 183 10.76 8.65 -5.64
CA SER A 183 11.72 9.74 -5.75
C SER A 183 12.80 9.68 -4.68
N GLY A 184 12.49 9.05 -3.54
CA GLY A 184 13.45 8.90 -2.47
C GLY A 184 13.87 7.46 -2.23
N VAL A 185 13.32 6.84 -1.19
CA VAL A 185 13.67 5.47 -0.85
C VAL A 185 12.83 4.50 -1.67
N LYS A 186 13.38 3.31 -1.93
CA LYS A 186 12.69 2.31 -2.73
C LYS A 186 12.12 1.16 -1.89
N SER A 187 12.94 0.52 -1.07
CA SER A 187 12.56 -0.71 -0.40
C SER A 187 12.61 -0.52 1.12
N LEU A 188 12.37 -1.62 1.83
CA LEU A 188 12.35 -1.60 3.29
C LEU A 188 13.76 -1.52 3.88
N GLU A 189 14.77 -1.92 3.10
CA GLU A 189 16.13 -1.98 3.62
C GLU A 189 16.72 -0.59 3.88
N GLU A 190 16.23 0.43 3.19
CA GLU A 190 16.72 1.79 3.39
C GLU A 190 16.04 2.51 4.53
N VAL A 191 14.97 1.95 5.09
CA VAL A 191 14.19 2.64 6.12
C VAL A 191 14.09 1.85 7.42
N CYS A 192 14.20 0.53 7.42
CA CYS A 192 13.98 -0.25 8.63
C CYS A 192 15.08 0.01 9.65
N LEU A 193 14.79 -0.37 10.90
CA LEU A 193 15.73 -0.23 12.00
C LEU A 193 16.56 -1.49 12.11
N GLN A 194 17.86 -1.37 11.85
CA GLN A 194 18.75 -2.53 11.84
C GLN A 194 19.14 -2.92 13.26
N VAL A 195 19.23 -4.23 13.49
CA VAL A 195 19.66 -4.78 14.77
C VAL A 195 20.75 -5.81 14.48
N THR A 196 21.80 -5.81 15.31
CA THR A 196 22.97 -6.65 15.05
C THR A 196 22.88 -7.98 15.81
N ASP A 197 22.83 -7.94 17.13
CA ASP A 197 22.68 -9.13 17.95
C ASP A 197 21.85 -8.81 19.19
N LEU A 198 21.28 -9.86 19.78
CA LEU A 198 20.64 -9.74 21.08
C LEU A 198 21.69 -9.57 22.17
N LEU A 199 21.22 -9.20 23.35
CA LEU A 199 22.11 -9.09 24.50
C LEU A 199 22.69 -10.45 24.82
N PRO A 200 23.99 -10.54 25.14
CA PRO A 200 24.54 -11.80 25.65
C PRO A 200 23.80 -12.23 26.91
N GLY A 201 23.47 -13.52 26.99
CA GLY A 201 22.61 -14.03 28.02
C GLY A 201 21.20 -14.34 27.54
N LEU A 202 20.81 -13.87 26.36
CA LEU A 202 19.53 -14.20 25.74
C LEU A 202 19.71 -15.23 24.64
N ARG A 203 20.72 -16.08 24.77
CA ARG A 203 20.97 -17.12 23.77
C ARG A 203 19.80 -18.10 23.65
N LYS A 204 18.96 -18.19 24.69
CA LYS A 204 17.79 -19.05 24.62
C LYS A 204 16.82 -18.60 23.52
N LEU A 205 16.80 -17.30 23.21
CA LEU A 205 15.91 -16.75 22.22
C LEU A 205 16.54 -16.66 20.83
N ARG A 206 17.76 -17.18 20.67
CA ARG A 206 18.37 -17.20 19.35
C ARG A 206 17.54 -18.05 18.40
N ASN A 207 17.47 -17.62 17.14
CA ASN A 207 16.65 -18.21 16.08
C ASN A 207 15.16 -18.06 16.36
N LEU A 208 14.78 -17.29 17.37
CA LEU A 208 13.38 -16.95 17.63
C LEU A 208 13.10 -15.47 17.37
N LEU A 209 14.06 -14.61 17.67
CA LEU A 209 13.98 -13.20 17.36
C LEU A 209 14.94 -12.84 16.22
N PRO A 210 14.59 -11.86 15.39
CA PRO A 210 15.44 -11.54 14.24
C PRO A 210 16.80 -10.99 14.66
N GLU A 211 17.80 -11.29 13.84
CA GLU A 211 19.16 -10.82 14.09
C GLU A 211 19.84 -10.50 12.77
N HIS A 212 20.80 -9.57 12.83
CA HIS A 212 21.61 -9.19 11.69
C HIS A 212 20.74 -8.78 10.49
N GLY A 213 19.71 -8.01 10.77
CA GLY A 213 18.81 -7.59 9.72
C GLY A 213 17.72 -6.69 10.26
N CYS A 214 16.69 -6.49 9.43
CA CYS A 214 15.58 -5.65 9.81
C CYS A 214 14.84 -6.22 11.01
N LEU A 215 14.34 -5.34 11.87
CA LEU A 215 13.55 -5.75 13.03
C LEU A 215 12.11 -5.95 12.57
N LEU A 216 11.83 -7.18 12.14
CA LEU A 216 10.53 -7.55 11.59
C LEU A 216 9.99 -8.73 12.41
N LEU A 217 8.95 -8.47 13.19
CA LEU A 217 8.38 -9.47 14.08
C LEU A 217 7.09 -10.02 13.49
N SER A 218 6.97 -11.34 13.51
CA SER A 218 5.78 -12.02 13.00
C SER A 218 5.74 -13.41 13.62
N PRO A 219 4.57 -14.07 13.61
CA PRO A 219 4.51 -15.45 14.13
C PRO A 219 5.40 -16.42 13.38
N GLY A 220 5.80 -16.10 12.14
CA GLY A 220 6.74 -16.93 11.43
C GLY A 220 8.12 -17.01 12.06
N ASN A 221 8.43 -16.12 12.99
CA ASN A 221 9.71 -16.19 13.67
C ASN A 221 9.81 -17.41 14.58
N PHE A 222 8.68 -18.03 14.92
CA PHE A 222 8.71 -19.29 15.65
C PHE A 222 9.41 -20.37 14.84
N TRP A 223 9.14 -20.42 13.53
CA TRP A 223 9.76 -21.38 12.63
C TRP A 223 10.81 -20.74 11.73
N GLN A 224 11.28 -19.54 12.10
CA GLN A 224 12.34 -18.83 11.37
C GLN A 224 11.92 -18.46 9.95
N ASN A 225 10.64 -18.16 9.77
CA ASN A 225 10.10 -17.76 8.47
C ASN A 225 10.33 -18.82 7.41
N ASP A 226 10.34 -20.10 7.81
CA ASP A 226 10.48 -21.21 6.90
C ASP A 226 9.16 -21.98 6.84
N TRP A 227 8.44 -21.82 5.73
CA TRP A 227 7.18 -22.54 5.57
C TRP A 227 7.38 -24.04 5.55
N GLU A 228 8.56 -24.51 5.11
CA GLU A 228 8.84 -25.94 5.19
C GLU A 228 8.85 -26.42 6.63
N ARG A 229 9.53 -25.68 7.52
CA ARG A 229 9.51 -26.03 8.94
C ARG A 229 8.10 -25.93 9.51
N PHE A 230 7.35 -24.91 9.10
CA PHE A 230 5.99 -24.76 9.61
C PHE A 230 5.12 -25.95 9.20
N HIS A 231 5.26 -26.41 7.97
CA HIS A 231 4.45 -27.53 7.50
C HIS A 231 4.90 -28.83 8.13
N ALA A 232 6.20 -29.00 8.34
CA ALA A 232 6.71 -30.24 8.93
C ALA A 232 6.54 -30.28 10.44
N ASP A 233 6.21 -29.15 11.06
CA ASP A 233 6.02 -29.12 12.50
C ASP A 233 4.81 -29.96 12.89
N PRO A 234 4.96 -30.95 13.78
CA PRO A 234 3.81 -31.74 14.20
C PRO A 234 3.02 -31.18 15.36
N ASP A 235 3.48 -30.08 16.00
CA ASP A 235 2.75 -29.46 17.11
C ASP A 235 2.90 -27.95 16.99
N ILE A 236 1.95 -27.32 16.27
CA ILE A 236 1.99 -25.88 16.08
C ILE A 236 1.71 -25.16 17.40
N ILE A 237 0.69 -25.62 18.13
CA ILE A 237 0.36 -25.00 19.41
C ILE A 237 1.51 -25.19 20.40
N GLY A 238 2.11 -26.38 20.42
CA GLY A 238 3.24 -26.62 21.30
C GLY A 238 4.42 -25.72 20.97
N THR A 239 4.72 -25.56 19.68
CA THR A 239 5.80 -24.66 19.29
C THR A 239 5.50 -23.22 19.70
N ILE A 240 4.24 -22.79 19.53
CA ILE A 240 3.87 -21.43 19.87
C ILE A 240 4.00 -21.19 21.36
N HIS A 241 3.54 -22.14 22.18
CA HIS A 241 3.55 -21.97 23.63
C HIS A 241 4.74 -22.67 24.29
N GLN A 242 5.81 -22.92 23.54
CA GLN A 242 6.99 -23.58 24.10
C GLN A 242 7.58 -22.78 25.24
N HIS A 243 7.75 -21.47 25.05
CA HIS A 243 8.38 -20.60 26.03
C HIS A 243 7.38 -19.81 26.86
N GLU A 244 6.13 -20.24 26.88
CA GLU A 244 5.09 -19.51 27.62
C GLU A 244 5.24 -19.79 29.11
N PRO A 245 5.42 -18.76 29.95
CA PRO A 245 5.54 -19.00 31.39
C PRO A 245 4.23 -19.47 31.99
N LYS A 246 4.34 -20.16 33.12
CA LYS A 246 3.17 -20.67 33.82
C LYS A 246 2.60 -19.69 34.84
N THR A 247 3.23 -18.53 35.01
CA THR A 247 2.75 -17.54 35.96
C THR A 247 2.91 -16.16 35.34
N LEU A 248 2.14 -15.20 35.86
CA LEU A 248 2.19 -13.84 35.36
C LEU A 248 3.57 -13.23 35.62
N GLN A 249 4.06 -12.47 34.63
CA GLN A 249 5.36 -11.84 34.72
C GLN A 249 5.26 -10.41 34.24
N THR A 250 6.20 -9.58 34.71
CA THR A 250 6.22 -8.18 34.30
C THR A 250 6.59 -8.03 32.83
N SER A 251 7.65 -8.71 32.41
CA SER A 251 8.08 -8.63 31.02
C SER A 251 7.10 -9.33 30.10
N ALA A 252 6.97 -8.80 28.88
CA ALA A 252 6.10 -9.40 27.90
C ALA A 252 6.70 -10.71 27.38
N THR A 253 5.82 -11.67 27.08
CA THR A 253 6.24 -12.98 26.66
C THR A 253 6.62 -12.99 25.18
N LEU A 254 7.31 -14.05 24.77
CA LEU A 254 7.72 -14.18 23.38
C LEU A 254 6.51 -14.30 22.46
N LYS A 255 5.47 -15.00 22.91
CA LYS A 255 4.25 -15.10 22.13
C LYS A 255 3.64 -13.72 21.92
N ASP A 256 3.59 -12.90 22.98
CA ASP A 256 3.06 -11.55 22.84
C ASP A 256 3.91 -10.71 21.90
N LEU A 257 5.24 -10.85 21.99
CA LEU A 257 6.12 -10.08 21.11
C LEU A 257 5.92 -10.48 19.65
N LEU A 258 5.81 -11.77 19.37
CA LEU A 258 5.72 -12.23 18.00
C LEU A 258 4.32 -12.08 17.42
N PHE A 259 3.29 -11.98 18.26
CA PHE A 259 1.95 -11.77 17.76
C PHE A 259 1.56 -10.30 17.69
N GLY A 260 2.16 -9.45 18.52
CA GLY A 260 1.80 -8.04 18.53
C GLY A 260 0.35 -7.79 18.87
N VAL A 261 -0.30 -8.73 19.55
CA VAL A 261 -1.74 -8.70 19.76
C VAL A 261 -2.05 -9.10 21.19
N PRO A 262 -3.05 -8.45 21.79
CA PRO A 262 -3.49 -8.85 23.13
C PRO A 262 -3.86 -10.32 23.19
N GLY A 263 -3.81 -10.87 24.41
CA GLY A 263 -3.97 -12.30 24.58
C GLY A 263 -5.33 -12.81 24.16
N LYS A 264 -6.38 -12.02 24.43
CA LYS A 264 -7.74 -12.51 24.22
C LYS A 264 -8.06 -12.71 22.75
N TYR A 265 -7.40 -11.98 21.85
CA TYR A 265 -7.65 -12.17 20.41
C TYR A 265 -7.02 -13.44 19.87
N SER A 266 -6.08 -14.04 20.59
CA SER A 266 -5.47 -15.30 20.18
C SER A 266 -5.72 -16.37 21.23
N GLY A 267 -5.11 -17.53 21.08
CA GLY A 267 -5.29 -18.58 22.05
C GLY A 267 -6.25 -19.65 21.57
N VAL A 268 -6.18 -20.82 22.21
CA VAL A 268 -6.98 -21.97 21.81
C VAL A 268 -8.46 -21.77 22.10
N SER A 269 -8.83 -20.85 22.99
CA SER A 269 -10.22 -20.68 23.38
C SER A 269 -11.08 -20.17 22.23
N LEU A 270 -10.47 -19.69 21.15
CA LEU A 270 -11.25 -19.15 20.04
C LEU A 270 -12.07 -20.23 19.35
N TYR A 271 -11.60 -21.48 19.36
CA TYR A 271 -12.31 -22.55 18.68
C TYR A 271 -13.69 -22.77 19.27
N THR A 272 -13.83 -22.57 20.59
CA THR A 272 -15.14 -22.72 21.23
C THR A 272 -16.13 -21.70 20.69
N ARG A 273 -15.68 -20.48 20.42
CA ARG A 273 -16.53 -19.44 19.86
C ARG A 273 -16.50 -19.42 18.33
N LYS A 274 -15.81 -20.36 17.71
CA LYS A 274 -15.70 -20.53 16.26
C LYS A 274 -14.94 -19.39 15.60
N ARG A 275 -14.26 -18.55 16.38
CA ARG A 275 -13.48 -17.45 15.82
C ARG A 275 -12.13 -17.98 15.33
N THR A 276 -11.23 -17.07 14.98
CA THR A 276 -9.97 -17.45 14.37
C THR A 276 -8.85 -16.58 14.94
N VAL A 277 -7.65 -17.15 15.04
CA VAL A 277 -6.52 -16.42 15.58
C VAL A 277 -6.17 -15.25 14.67
N SER A 278 -5.97 -14.08 15.28
CA SER A 278 -5.56 -12.89 14.57
C SER A 278 -4.23 -12.42 15.15
N TYR A 279 -3.30 -12.07 14.28
CA TYR A 279 -1.96 -11.68 14.68
C TYR A 279 -1.59 -10.37 13.99
N THR A 280 -0.37 -9.91 14.27
CA THR A 280 0.13 -8.64 13.76
C THR A 280 1.59 -8.77 13.35
N ILE A 281 1.90 -8.26 12.16
CA ILE A 281 3.28 -8.17 11.69
C ILE A 281 3.79 -6.78 12.02
N THR A 282 4.79 -6.71 12.90
CA THR A 282 5.29 -5.45 13.43
C THR A 282 6.54 -5.03 12.67
N LEU A 283 6.50 -3.82 12.10
CA LEU A 283 7.65 -3.22 11.44
C LEU A 283 8.17 -2.07 12.29
N VAL A 284 9.49 -2.02 12.45
CA VAL A 284 10.16 -1.00 13.24
C VAL A 284 10.99 -0.15 12.29
N PHE A 285 10.66 1.12 12.19
CA PHE A 285 11.30 2.04 11.26
C PHE A 285 12.23 3.00 12.00
N GLN A 286 13.47 3.10 11.50
CA GLN A 286 14.37 4.14 11.98
C GLN A 286 14.00 5.50 11.41
N ARG A 287 13.59 5.56 10.15
CA ARG A 287 13.23 6.79 9.47
C ARG A 287 11.75 6.76 9.10
N TYR A 288 11.24 7.92 8.69
CA TYR A 288 9.86 8.06 8.28
C TYR A 288 9.83 8.45 6.81
N ASP A 289 9.00 7.76 6.03
CA ASP A 289 8.80 8.08 4.62
C ASP A 289 7.32 7.89 4.29
N SER A 290 6.62 9.01 4.12
CA SER A 290 5.18 8.96 3.87
C SER A 290 4.87 8.23 2.57
N ARG A 291 5.66 8.48 1.52
CA ARG A 291 5.41 7.83 0.24
C ARG A 291 5.56 6.32 0.35
N PHE A 292 6.63 5.86 1.00
CA PHE A 292 6.83 4.43 1.16
C PHE A 292 5.74 3.80 2.01
N LEU A 293 5.35 4.47 3.11
CA LEU A 293 4.30 3.91 3.96
C LEU A 293 2.97 3.83 3.22
N SER A 294 2.63 4.87 2.45
CA SER A 294 1.40 4.84 1.66
C SER A 294 1.45 3.75 0.60
N SER A 295 2.61 3.59 -0.04
CA SER A 295 2.74 2.53 -1.04
C SER A 295 2.55 1.16 -0.41
N LEU A 296 3.14 0.93 0.76
CA LEU A 296 2.98 -0.34 1.44
C LEU A 296 1.53 -0.58 1.82
N ARG A 297 0.86 0.43 2.37
CA ARG A 297 -0.54 0.28 2.76
C ARG A 297 -1.41 -0.03 1.56
N SER A 298 -1.19 0.69 0.45
CA SER A 298 -2.00 0.45 -0.74
C SER A 298 -1.73 -0.91 -1.36
N ARG A 299 -0.46 -1.35 -1.34
CA ARG A 299 -0.13 -2.67 -1.86
C ARG A 299 -0.82 -3.76 -1.04
N LEU A 300 -0.76 -3.64 0.28
CA LEU A 300 -1.42 -4.62 1.14
C LEU A 300 -2.94 -4.59 0.95
N LYS A 301 -3.50 -3.40 0.77
CA LYS A 301 -4.95 -3.29 0.52
C LYS A 301 -5.33 -3.95 -0.80
N LEU A 302 -4.53 -3.75 -1.84
CA LEU A 302 -4.80 -4.39 -3.12
C LEU A 302 -4.71 -5.90 -3.02
N LEU A 303 -3.68 -6.40 -2.31
CA LEU A 303 -3.51 -7.84 -2.20
C LEU A 303 -4.62 -8.49 -1.38
N HIS A 304 -4.98 -7.88 -0.24
CA HIS A 304 -5.96 -8.45 0.67
C HIS A 304 -6.99 -7.38 1.03
N PRO A 305 -7.94 -7.11 0.14
CA PRO A 305 -8.95 -6.08 0.42
C PRO A 305 -9.76 -6.41 1.66
N SER A 306 -10.05 -5.39 2.46
CA SER A 306 -10.81 -5.55 3.68
C SER A 306 -12.21 -5.01 3.47
N PRO A 307 -13.25 -5.85 3.51
CA PRO A 307 -14.60 -5.36 3.28
C PRO A 307 -15.16 -4.66 4.51
N ASN A 308 -15.99 -3.64 4.26
CA ASN A 308 -16.66 -2.88 5.31
C ASN A 308 -15.66 -2.31 6.31
N CYS A 309 -14.58 -1.77 5.77
CA CYS A 309 -13.52 -1.16 6.58
C CYS A 309 -13.54 0.35 6.39
N SER A 310 -13.58 1.08 7.51
CA SER A 310 -13.63 2.54 7.50
C SER A 310 -12.70 3.12 8.56
N LEU A 311 -11.50 2.57 8.67
CA LEU A 311 -10.54 3.04 9.67
C LEU A 311 -10.09 4.46 9.35
N ARG A 312 -9.93 5.28 10.40
CA ARG A 312 -9.58 6.68 10.21
C ARG A 312 -8.15 6.84 9.73
N ALA A 313 -7.19 6.41 10.56
CA ALA A 313 -5.76 6.52 10.25
C ALA A 313 -5.36 7.96 9.96
N GLU A 314 -5.66 8.85 10.90
CA GLU A 314 -5.45 10.28 10.71
C GLU A 314 -4.26 10.85 11.49
N ASN A 315 -3.91 10.26 12.63
CA ASN A 315 -2.89 10.83 13.51
C ASN A 315 -1.87 9.78 13.93
N LEU A 316 -0.62 10.21 14.09
CA LEU A 316 0.35 9.42 14.83
C LEU A 316 0.08 9.55 16.33
N VAL A 317 0.67 8.64 17.10
CA VAL A 317 0.65 8.70 18.55
C VAL A 317 2.08 8.60 19.05
N HIS A 318 2.48 9.51 19.91
CA HIS A 318 3.82 9.54 20.47
C HIS A 318 3.75 9.13 21.95
N VAL A 319 4.52 8.11 22.31
CA VAL A 319 4.49 7.55 23.67
C VAL A 319 5.86 7.76 24.29
N HIS A 320 5.87 8.37 25.48
CA HIS A 320 7.10 8.66 26.20
C HIS A 320 7.19 7.75 27.42
N PHE A 321 8.37 7.18 27.64
CA PHE A 321 8.60 6.24 28.72
C PHE A 321 9.45 6.90 29.79
N LYS A 322 8.94 6.94 31.02
CA LYS A 322 9.64 7.58 32.12
C LYS A 322 10.69 6.64 32.71
N GLU A 323 11.59 7.21 33.50
CA GLU A 323 12.57 6.42 34.22
C GLU A 323 11.92 5.75 35.43
N GLU A 324 12.46 4.59 35.82
CA GLU A 324 11.96 3.82 36.94
C GLU A 324 13.05 3.70 38.00
N ILE A 325 12.74 4.15 39.21
CA ILE A 325 13.67 4.08 40.34
C ILE A 325 12.92 3.48 41.53
N GLY A 326 13.50 2.46 42.14
CA GLY A 326 12.90 1.82 43.30
C GLY A 326 13.80 1.76 44.51
N ILE A 327 15.10 1.91 44.28
CA ILE A 327 16.16 1.82 45.31
C ILE A 327 15.82 0.89 46.46
N ASP A 654 -26.19 -23.46 10.14
CA ASP A 654 -26.55 -22.69 11.33
C ASP A 654 -25.32 -22.46 12.22
N SER A 655 -24.14 -22.76 11.67
CA SER A 655 -22.91 -22.54 12.43
C SER A 655 -22.71 -21.06 12.74
N ARG A 656 -22.93 -20.19 11.75
CA ARG A 656 -22.85 -18.75 11.91
C ARG A 656 -21.50 -18.31 12.46
N ALA A 657 -20.47 -18.57 11.67
CA ALA A 657 -19.13 -18.09 12.04
C ALA A 657 -19.11 -16.57 12.00
N PRO A 658 -18.58 -15.92 13.04
CA PRO A 658 -18.55 -14.46 13.06
C PRO A 658 -17.75 -13.89 11.90
N GLU A 659 -18.22 -12.77 11.36
CA GLU A 659 -17.58 -12.14 10.22
C GLU A 659 -16.42 -11.27 10.68
N VAL A 660 -15.59 -10.87 9.72
CA VAL A 660 -14.43 -10.03 10.00
C VAL A 660 -14.89 -8.58 10.11
N THR A 661 -15.20 -8.15 11.33
CA THR A 661 -15.67 -6.80 11.57
C THR A 661 -14.50 -5.89 11.94
N TRP A 662 -14.45 -4.71 11.33
CA TRP A 662 -13.47 -3.69 11.66
C TRP A 662 -14.21 -2.51 12.26
N GLY A 663 -13.80 -2.12 13.48
CA GLY A 663 -14.48 -1.06 14.19
C GLY A 663 -13.50 -0.10 14.83
N PRO A 664 -13.98 0.68 15.79
CA PRO A 664 -13.12 1.67 16.45
C PRO A 664 -12.09 1.07 17.39
N GLU A 665 -12.20 -0.20 17.75
CA GLU A 665 -11.29 -0.83 18.70
C GLU A 665 -10.18 -1.63 18.02
N ASP A 666 -10.14 -1.63 16.68
CA ASP A 666 -9.05 -2.31 15.98
C ASP A 666 -7.84 -1.39 15.81
N GLU A 667 -8.07 -0.14 15.47
CA GLU A 667 -7.01 0.85 15.62
C GLU A 667 -6.85 1.19 17.10
N GLU A 668 -5.66 1.69 17.44
CA GLU A 668 -5.29 1.92 18.85
C GLU A 668 -5.40 0.63 19.65
N LEU A 669 -4.98 -0.49 19.04
CA LEU A 669 -4.96 -1.78 19.72
C LEU A 669 -3.72 -1.95 20.60
N TRP A 670 -2.66 -1.21 20.31
CA TRP A 670 -1.47 -1.24 21.15
C TRP A 670 -1.74 -0.74 22.57
N ARG A 671 -2.83 0.00 22.76
CA ARG A 671 -3.18 0.46 24.10
C ARG A 671 -3.60 -0.69 25.02
N ARG A 672 -3.92 -1.85 24.46
CA ARG A 672 -4.35 -2.99 25.25
C ARG A 672 -3.25 -4.03 25.45
N LEU A 673 -2.03 -3.76 24.99
CA LEU A 673 -0.92 -4.64 25.28
C LEU A 673 -0.42 -4.43 26.70
N SER A 674 0.48 -5.30 27.14
CA SER A 674 1.11 -5.12 28.44
C SER A 674 1.96 -3.85 28.45
N PHE A 675 2.02 -3.19 29.60
CA PHE A 675 2.67 -1.90 29.70
C PHE A 675 4.19 -1.99 29.57
N ARG A 676 4.75 -3.19 29.60
CA ARG A 676 6.19 -3.40 29.39
C ARG A 676 6.51 -3.98 28.01
N HIS A 677 5.54 -3.94 27.09
CA HIS A 677 5.71 -4.58 25.79
C HIS A 677 6.89 -4.00 25.03
N TRP A 678 6.80 -2.72 24.68
CA TRP A 678 7.82 -2.06 23.87
C TRP A 678 9.16 -1.94 24.59
N PRO A 679 9.20 -1.55 25.88
CA PRO A 679 10.50 -1.60 26.59
C PRO A 679 11.12 -2.98 26.60
N THR A 680 10.31 -4.03 26.79
CA THR A 680 10.83 -5.39 26.76
C THR A 680 11.41 -5.74 25.39
N LEU A 681 10.68 -5.35 24.33
CA LEU A 681 11.15 -5.62 22.98
C LEU A 681 12.46 -4.90 22.70
N PHE A 682 12.56 -3.63 23.09
CA PHE A 682 13.72 -2.84 22.74
C PHE A 682 14.92 -3.11 23.64
N ASN A 683 14.71 -3.66 24.84
CA ASN A 683 15.84 -3.95 25.71
C ASN A 683 16.65 -5.13 25.21
N TYR A 684 16.03 -6.06 24.47
CA TYR A 684 16.74 -7.23 23.99
C TYR A 684 17.88 -6.87 23.04
N TYR A 685 17.79 -5.73 22.37
CA TYR A 685 18.79 -5.32 21.38
C TYR A 685 19.68 -4.20 21.90
N ASN A 686 19.77 -4.05 23.22
CA ASN A 686 20.55 -2.98 23.85
C ASN A 686 20.12 -1.61 23.34
N ILE A 687 18.81 -1.38 23.35
CA ILE A 687 18.23 -0.09 23.01
C ILE A 687 17.34 0.36 24.16
N THR A 688 17.56 1.58 24.64
CA THR A 688 16.89 2.09 25.83
C THR A 688 15.86 3.14 25.45
N LEU A 689 14.71 3.11 26.14
CA LEU A 689 13.67 4.10 25.99
C LEU A 689 13.48 4.93 27.25
N ALA A 690 14.53 5.07 28.06
CA ALA A 690 14.40 5.71 29.36
C ALA A 690 14.11 7.19 29.23
N LYS A 691 14.86 7.90 28.40
CA LYS A 691 14.72 9.34 28.26
C LYS A 691 14.14 9.75 26.91
N ARG A 692 13.63 8.81 26.12
CA ARG A 692 13.18 9.13 24.78
C ARG A 692 11.74 8.65 24.55
N TYR A 693 11.26 8.73 23.31
CA TYR A 693 9.89 8.38 22.98
C TYR A 693 9.86 7.64 21.65
N ILE A 694 8.73 7.01 21.37
CA ILE A 694 8.50 6.28 20.13
C ILE A 694 7.19 6.76 19.52
N SER A 695 7.06 6.57 18.21
CA SER A 695 5.89 6.97 17.45
C SER A 695 5.19 5.74 16.91
N LEU A 696 3.88 5.66 17.10
CA LEU A 696 3.09 4.51 16.69
C LEU A 696 2.19 4.90 15.53
N LEU A 697 2.53 4.41 14.34
CA LEU A 697 1.79 4.70 13.13
C LEU A 697 0.43 4.01 13.14
N PRO A 698 -0.55 4.54 12.41
CA PRO A 698 -1.85 3.89 12.34
C PRO A 698 -1.77 2.50 11.71
N VAL A 699 -2.68 1.63 12.14
CA VAL A 699 -2.62 0.23 11.74
C VAL A 699 -3.01 0.06 10.28
N ILE A 700 -2.44 -0.96 9.64
CA ILE A 700 -2.74 -1.29 8.26
C ILE A 700 -3.61 -2.56 8.27
N PRO A 701 -4.87 -2.49 7.86
CA PRO A 701 -5.73 -3.67 7.92
C PRO A 701 -5.45 -4.65 6.80
N VAL A 702 -5.49 -5.94 7.15
CA VAL A 702 -5.37 -7.03 6.19
C VAL A 702 -6.40 -8.09 6.56
N THR A 703 -7.17 -8.54 5.58
CA THR A 703 -8.24 -9.50 5.80
C THR A 703 -8.03 -10.71 4.90
N LEU A 704 -8.14 -11.91 5.46
CA LEU A 704 -8.01 -13.15 4.73
C LEU A 704 -9.31 -13.92 4.77
N ARG A 705 -9.64 -14.58 3.66
CA ARG A 705 -10.79 -15.48 3.58
C ARG A 705 -10.27 -16.90 3.39
N LEU A 706 -10.69 -17.79 4.29
CA LEU A 706 -10.16 -19.14 4.35
C LEU A 706 -11.26 -20.15 4.02
N ASN A 707 -10.83 -21.38 3.71
CA ASN A 707 -11.71 -22.44 3.28
C ASN A 707 -11.49 -23.69 4.12
N PRO A 708 -12.54 -24.29 4.68
CA PRO A 708 -12.35 -25.50 5.48
C PRO A 708 -11.73 -26.66 4.72
N GLN A 709 -11.98 -26.74 3.41
CA GLN A 709 -11.39 -27.82 2.62
C GLN A 709 -9.87 -27.74 2.62
N GLU A 710 -9.30 -26.55 2.74
CA GLU A 710 -7.86 -26.41 2.85
C GLU A 710 -7.34 -27.13 4.10
N ALA A 711 -7.97 -26.88 5.25
CA ALA A 711 -7.55 -27.56 6.47
C ALA A 711 -7.80 -29.06 6.38
N LEU A 712 -8.93 -29.46 5.81
CA LEU A 712 -9.25 -30.89 5.71
C LEU A 712 -8.23 -31.62 4.83
N GLU A 713 -7.77 -30.98 3.76
CA GLU A 713 -6.73 -31.57 2.92
C GLU A 713 -5.36 -31.50 3.58
N GLY A 714 -5.10 -30.48 4.40
CA GLY A 714 -3.84 -30.37 5.11
C GLY A 714 -3.86 -31.09 6.44
N ARG A 715 -4.89 -31.92 6.64
CA ARG A 715 -4.98 -32.74 7.83
C ARG A 715 -3.73 -33.60 8.00
N GLN A 716 -3.30 -33.75 9.25
CA GLN A 716 -2.07 -34.46 9.59
C GLN A 716 -2.35 -35.48 10.68
N PRO A 717 -1.53 -36.52 10.77
CA PRO A 717 -1.55 -37.37 11.97
C PRO A 717 -1.06 -36.58 13.18
N GLN A 718 -1.21 -37.19 14.36
CA GLN A 718 -1.03 -36.49 15.63
C GLN A 718 -1.95 -35.26 15.67
N ASP A 719 -3.19 -35.47 15.22
CA ASP A 719 -4.07 -34.35 14.89
C ASP A 719 -4.57 -33.63 16.12
N GLY A 720 -5.33 -34.33 16.97
CA GLY A 720 -5.99 -33.67 18.09
C GLY A 720 -5.37 -33.97 19.43
N ARG A 721 -4.03 -34.04 19.47
CA ARG A 721 -3.30 -34.31 20.72
C ARG A 721 -2.04 -33.46 20.70
N SER A 722 -2.11 -32.31 21.35
CA SER A 722 -0.96 -31.43 21.51
C SER A 722 -0.40 -31.53 22.93
N ALA A 723 0.90 -31.33 23.04
CA ALA A 723 1.56 -31.37 24.35
C ALA A 723 1.44 -30.03 25.06
N TRP A 724 0.22 -29.53 25.19
CA TRP A 724 -0.02 -28.24 25.83
C TRP A 724 -1.48 -28.17 26.26
N ALA A 725 -1.70 -27.68 27.46
CA ALA A 725 -3.03 -27.45 28.01
C ALA A 725 -3.04 -26.07 28.65
N PRO A 726 -4.20 -25.43 28.68
CA PRO A 726 -4.29 -24.09 29.30
C PRO A 726 -3.88 -24.15 30.76
N PRO A 727 -3.13 -23.16 31.24
CA PRO A 727 -2.71 -23.16 32.65
C PRO A 727 -3.89 -22.99 33.58
N GLU A 728 -3.81 -23.65 34.74
CA GLU A 728 -4.83 -23.56 35.80
C GLU A 728 -6.20 -24.03 35.29
N SER A 729 -6.22 -24.79 34.20
CA SER A 729 -7.47 -25.28 33.60
C SER A 729 -8.43 -24.14 33.28
N GLU B 6 -14.49 18.21 -7.77
CA GLU B 6 -13.76 19.10 -6.88
C GLU B 6 -12.34 19.34 -7.38
N VAL B 7 -11.56 18.26 -7.46
CA VAL B 7 -10.18 18.36 -7.92
C VAL B 7 -10.17 18.59 -9.43
N GLN B 8 -9.45 19.62 -9.86
CA GLN B 8 -9.38 19.97 -11.27
C GLN B 8 -7.95 20.29 -11.65
N LEU B 9 -7.66 20.17 -12.94
CA LEU B 9 -6.37 20.58 -13.49
C LEU B 9 -6.64 21.41 -14.74
N GLN B 10 -6.36 22.70 -14.66
CA GLN B 10 -6.61 23.64 -15.75
C GLN B 10 -5.32 23.86 -16.52
N GLN B 11 -5.33 23.54 -17.80
CA GLN B 11 -4.18 23.69 -18.67
C GLN B 11 -4.28 24.98 -19.48
N SER B 12 -3.18 25.31 -20.16
CA SER B 12 -3.11 26.54 -20.93
C SER B 12 -3.85 26.38 -22.26
N GLY B 13 -3.67 27.36 -23.15
CA GLY B 13 -4.31 27.34 -24.44
C GLY B 13 -3.44 26.71 -25.51
N ALA B 14 -3.99 26.67 -26.73
CA ALA B 14 -3.30 26.09 -27.86
C ALA B 14 -2.08 26.94 -28.24
N GLU B 15 -1.11 26.29 -28.89
CA GLU B 15 0.12 26.95 -29.28
C GLU B 15 0.41 26.65 -30.75
N LEU B 16 1.06 27.60 -31.41
CA LEU B 16 1.47 27.44 -32.80
C LEU B 16 2.88 28.04 -32.91
N VAL B 17 3.88 27.16 -33.00
CA VAL B 17 5.28 27.56 -32.87
C VAL B 17 6.08 27.04 -34.05
N ARG B 18 6.98 27.88 -34.55
CA ARG B 18 7.86 27.49 -35.64
C ARG B 18 8.81 26.39 -35.18
N PRO B 19 9.16 25.46 -36.06
CA PRO B 19 10.11 24.41 -35.69
C PRO B 19 11.47 24.98 -35.31
N GLY B 20 12.12 24.31 -34.36
CA GLY B 20 13.41 24.74 -33.88
C GLY B 20 13.37 25.67 -32.68
N ALA B 21 12.19 26.07 -32.23
CA ALA B 21 12.03 26.95 -31.09
C ALA B 21 11.79 26.13 -29.83
N SER B 22 11.45 26.82 -28.74
CA SER B 22 11.14 26.16 -27.47
C SER B 22 9.78 26.63 -26.98
N VAL B 23 9.07 25.73 -26.31
CA VAL B 23 7.72 25.99 -25.83
C VAL B 23 7.65 25.60 -24.36
N LYS B 24 6.79 26.28 -23.62
CA LYS B 24 6.63 26.04 -22.18
C LYS B 24 5.13 25.90 -21.88
N LEU B 25 4.65 24.66 -21.85
CA LEU B 25 3.28 24.40 -21.45
C LEU B 25 3.13 24.57 -19.94
N SER B 26 1.89 24.83 -19.51
CA SER B 26 1.59 25.07 -18.11
C SER B 26 0.38 24.24 -17.69
N CYS B 27 0.35 23.91 -16.41
CA CYS B 27 -0.73 23.11 -15.83
C CYS B 27 -1.03 23.64 -14.45
N THR B 28 -2.19 24.25 -14.26
CA THR B 28 -2.60 24.83 -12.99
C THR B 28 -3.55 23.89 -12.28
N ALA B 29 -3.24 23.56 -11.04
CA ALA B 29 -4.00 22.61 -10.25
C ALA B 29 -4.90 23.32 -9.26
N SER B 30 -6.17 22.91 -9.21
CA SER B 30 -7.15 23.48 -8.30
C SER B 30 -7.78 22.36 -7.49
N GLY B 31 -8.07 22.66 -6.22
CA GLY B 31 -8.65 21.69 -5.31
C GLY B 31 -7.65 20.87 -4.53
N PHE B 32 -6.36 20.99 -4.83
CA PHE B 32 -5.33 20.28 -4.06
C PHE B 32 -4.01 20.99 -4.28
N LYS B 33 -3.05 20.70 -3.39
CA LYS B 33 -1.71 21.23 -3.49
C LYS B 33 -0.81 20.20 -4.16
N ILE B 34 -0.06 20.64 -5.18
CA ILE B 34 0.81 19.72 -5.91
C ILE B 34 1.94 19.18 -5.04
N LYS B 35 2.14 19.73 -3.84
CA LYS B 35 3.11 19.16 -2.92
C LYS B 35 2.76 17.73 -2.53
N ASP B 36 1.49 17.35 -2.68
CA ASP B 36 1.02 16.05 -2.21
C ASP B 36 1.29 14.93 -3.21
N ASP B 37 1.03 15.17 -4.50
CA ASP B 37 1.08 14.13 -5.50
C ASP B 37 1.97 14.54 -6.66
N TYR B 38 2.43 13.54 -7.41
CA TYR B 38 3.24 13.79 -8.59
C TYR B 38 2.36 14.40 -9.69
N ILE B 39 3.02 15.05 -10.65
CA ILE B 39 2.36 15.63 -11.81
C ILE B 39 2.97 15.02 -13.07
N HIS B 40 2.12 14.51 -13.95
CA HIS B 40 2.56 13.77 -15.13
C HIS B 40 2.12 14.48 -16.39
N TRP B 41 2.84 14.22 -17.47
CA TRP B 41 2.53 14.75 -18.79
C TRP B 41 2.46 13.59 -19.78
N VAL B 42 1.37 13.54 -20.55
CA VAL B 42 1.10 12.44 -21.46
C VAL B 42 0.89 13.01 -22.86
N LYS B 43 1.57 12.43 -23.84
CA LYS B 43 1.49 12.87 -25.23
C LYS B 43 0.55 11.95 -26.01
N GLN B 44 -0.33 12.56 -26.81
CA GLN B 44 -1.26 11.81 -27.65
C GLN B 44 -1.19 12.31 -29.08
N ARG B 45 -1.09 11.38 -30.02
CA ARG B 45 -1.04 11.67 -31.44
C ARG B 45 -2.18 10.95 -32.13
N PRO B 46 -2.65 11.48 -33.27
CA PRO B 46 -3.83 10.89 -33.92
C PRO B 46 -3.65 9.44 -34.31
N GLU B 47 -2.45 9.02 -34.70
CA GLU B 47 -2.21 7.66 -35.17
C GLU B 47 -1.02 7.01 -34.47
N GLN B 48 -0.74 7.43 -33.24
CA GLN B 48 0.36 6.82 -32.50
C GLN B 48 0.01 6.55 -31.03
N GLY B 49 -1.27 6.63 -30.66
CA GLY B 49 -1.66 6.29 -29.30
C GLY B 49 -1.19 7.32 -28.28
N LEU B 50 -1.14 6.88 -27.03
CA LEU B 50 -0.74 7.71 -25.91
C LEU B 50 0.68 7.34 -25.48
N GLU B 51 1.49 8.35 -25.18
CA GLU B 51 2.87 8.15 -24.75
C GLU B 51 3.11 8.89 -23.45
N TRP B 52 3.83 8.24 -22.53
CA TRP B 52 4.14 8.82 -21.23
C TRP B 52 5.46 9.58 -21.33
N ILE B 53 5.45 10.84 -20.88
CA ILE B 53 6.61 11.70 -21.00
C ILE B 53 7.46 11.63 -19.74
N GLY B 54 6.87 12.00 -18.60
CA GLY B 54 7.62 12.01 -17.37
C GLY B 54 6.77 12.54 -16.24
N ARG B 55 7.42 12.77 -15.10
CA ARG B 55 6.72 13.27 -13.92
C ARG B 55 7.68 14.09 -13.08
N ILE B 56 7.11 14.83 -12.13
CA ILE B 56 7.87 15.63 -11.19
C ILE B 56 7.27 15.45 -9.80
N ASP B 57 8.14 15.42 -8.79
CA ASP B 57 7.70 15.51 -7.40
C ASP B 57 7.86 16.95 -6.96
N PRO B 58 6.80 17.75 -6.91
CA PRO B 58 6.96 19.17 -6.54
C PRO B 58 7.54 19.37 -5.15
N ALA B 59 7.27 18.44 -4.22
CA ALA B 59 7.85 18.54 -2.89
C ALA B 59 9.35 18.36 -2.88
N ASN B 60 9.91 17.78 -3.94
CA ASN B 60 11.35 17.52 -4.02
C ASN B 60 12.01 18.02 -5.30
N GLY B 61 11.27 18.16 -6.39
CA GLY B 61 11.87 18.53 -7.65
C GLY B 61 12.53 17.38 -8.38
N HIS B 62 12.34 16.16 -7.92
CA HIS B 62 12.91 14.98 -8.56
C HIS B 62 12.06 14.60 -9.76
N THR B 63 12.69 14.58 -10.94
CA THR B 63 12.00 14.25 -12.18
C THR B 63 12.63 13.04 -12.82
N ARG B 64 11.83 12.32 -13.60
CA ARG B 64 12.36 11.24 -14.44
C ARG B 64 11.51 11.17 -15.70
N TYR B 65 12.13 10.67 -16.77
CA TYR B 65 11.52 10.71 -18.08
C TYR B 65 11.66 9.34 -18.74
N ALA B 66 10.81 9.10 -19.73
CA ALA B 66 11.02 7.96 -20.61
C ALA B 66 12.28 8.18 -21.42
N PRO B 67 12.97 7.11 -21.84
CA PRO B 67 14.21 7.29 -22.59
C PRO B 67 14.02 8.07 -23.88
N LYS B 68 12.83 8.06 -24.45
CA LYS B 68 12.56 8.81 -25.67
C LYS B 68 12.56 10.33 -25.44
N PHE B 69 12.30 10.76 -24.20
CA PHE B 69 12.15 12.19 -23.91
C PHE B 69 13.27 12.73 -23.03
N GLN B 70 14.44 12.10 -23.01
CA GLN B 70 15.54 12.61 -22.21
C GLN B 70 16.05 13.94 -22.73
N ASP B 71 16.17 14.08 -24.05
CA ASP B 71 16.67 15.29 -24.67
C ASP B 71 15.57 16.10 -25.36
N LYS B 72 14.33 15.91 -24.95
CA LYS B 72 13.21 16.61 -25.58
C LYS B 72 12.37 17.39 -24.59
N ALA B 73 12.13 16.85 -23.39
CA ALA B 73 11.22 17.46 -22.44
C ALA B 73 11.98 17.88 -21.18
N THR B 74 11.35 18.80 -20.44
CA THR B 74 11.89 19.25 -19.16
C THR B 74 10.71 19.73 -18.32
N ILE B 75 10.46 19.06 -17.21
CA ILE B 75 9.29 19.32 -16.38
C ILE B 75 9.72 20.07 -15.13
N THR B 76 8.95 21.09 -14.77
CA THR B 76 9.22 21.90 -13.60
C THR B 76 7.90 22.23 -12.91
N ALA B 77 7.95 22.38 -11.60
CA ALA B 77 6.77 22.67 -10.80
C ALA B 77 7.05 23.83 -9.86
N ASP B 78 5.99 24.53 -9.48
CA ASP B 78 6.09 25.69 -8.60
C ASP B 78 4.97 25.59 -7.57
N THR B 79 5.34 25.38 -6.31
CA THR B 79 4.35 25.19 -5.25
C THR B 79 3.54 26.45 -4.99
N SER B 80 4.19 27.62 -4.95
CA SER B 80 3.52 28.85 -4.59
C SER B 80 2.38 29.17 -5.55
N SER B 81 2.64 29.04 -6.86
CA SER B 81 1.61 29.27 -7.86
C SER B 81 0.71 28.07 -8.07
N ASN B 82 1.02 26.93 -7.44
CA ASN B 82 0.24 25.70 -7.60
C ASN B 82 0.14 25.31 -9.08
N THR B 83 1.27 25.38 -9.78
CA THR B 83 1.29 25.18 -11.22
C THR B 83 2.51 24.36 -11.60
N ALA B 84 2.32 23.47 -12.58
CA ALA B 84 3.39 22.64 -13.11
C ALA B 84 3.59 22.97 -14.58
N TYR B 85 4.83 22.86 -15.04
CA TYR B 85 5.19 23.27 -16.39
C TYR B 85 5.94 22.17 -17.11
N LEU B 86 5.67 22.03 -18.40
CA LEU B 86 6.40 21.14 -19.28
C LEU B 86 7.03 21.97 -20.39
N GLN B 87 8.33 21.80 -20.58
CA GLN B 87 9.08 22.55 -21.59
C GLN B 87 9.59 21.61 -22.66
N LEU B 88 9.25 21.90 -23.91
CA LEU B 88 9.74 21.14 -25.05
C LEU B 88 10.75 21.98 -25.81
N SER B 89 11.90 21.39 -26.11
CA SER B 89 13.01 22.08 -26.76
C SER B 89 13.29 21.44 -28.11
N SER B 90 13.77 22.27 -29.05
CA SER B 90 14.07 21.84 -30.41
C SER B 90 12.85 21.19 -31.06
N LEU B 91 11.81 22.00 -31.23
CA LEU B 91 10.54 21.50 -31.74
C LEU B 91 10.69 20.99 -33.16
N THR B 92 9.90 19.98 -33.51
CA THR B 92 9.94 19.34 -34.81
C THR B 92 8.53 18.95 -35.20
N SER B 93 8.32 18.71 -36.50
CA SER B 93 6.99 18.35 -36.99
C SER B 93 6.46 17.10 -36.31
N GLU B 94 7.34 16.22 -35.84
CA GLU B 94 6.89 15.03 -35.11
C GLU B 94 6.34 15.36 -33.73
N ASP B 95 6.59 16.57 -33.23
CA ASP B 95 6.21 16.94 -31.87
C ASP B 95 4.79 17.48 -31.76
N THR B 96 4.08 17.65 -32.88
CA THR B 96 2.70 18.11 -32.79
C THR B 96 1.83 17.02 -32.18
N ALA B 97 1.04 17.39 -31.17
CA ALA B 97 0.27 16.42 -30.39
C ALA B 97 -0.58 17.19 -29.40
N VAL B 98 -1.43 16.45 -28.68
CA VAL B 98 -2.23 16.97 -27.58
C VAL B 98 -1.61 16.45 -26.29
N TYR B 99 -1.14 17.37 -25.45
CA TYR B 99 -0.41 17.02 -24.24
C TYR B 99 -1.35 17.16 -23.04
N TYR B 100 -1.43 16.10 -22.23
CA TYR B 100 -2.33 16.05 -21.10
C TYR B 100 -1.53 16.17 -19.80
N CYS B 101 -2.16 16.76 -18.78
CA CYS B 101 -1.59 16.90 -17.45
C CYS B 101 -2.41 16.06 -16.49
N THR B 102 -1.73 15.23 -15.69
CA THR B 102 -2.43 14.30 -14.82
C THR B 102 -1.56 13.95 -13.62
N ARG B 103 -2.21 13.35 -12.62
CA ARG B 103 -1.59 12.97 -11.36
C ARG B 103 -2.07 11.58 -10.97
N TYR B 104 -1.44 11.01 -9.93
CA TYR B 104 -2.02 9.88 -9.23
C TYR B 104 -1.88 10.08 -7.73
N ASN B 105 -2.79 9.45 -6.98
CA ASN B 105 -2.80 9.51 -5.53
C ASN B 105 -2.54 8.17 -4.87
N ASP B 106 -2.74 7.06 -5.57
CA ASP B 106 -2.40 5.73 -5.07
C ASP B 106 -1.02 5.37 -5.60
N TYR B 107 -0.11 5.02 -4.69
CA TYR B 107 1.29 4.84 -5.04
C TYR B 107 1.70 3.39 -5.14
N ASP B 108 0.75 2.49 -5.38
CA ASP B 108 1.08 1.13 -5.81
C ASP B 108 0.37 0.76 -7.10
N ALA B 109 -0.89 1.16 -7.27
CA ALA B 109 -1.59 0.91 -8.52
C ALA B 109 -1.13 1.89 -9.60
N PHE B 110 -0.78 3.12 -9.22
CA PHE B 110 -0.22 4.11 -10.14
C PHE B 110 -1.16 4.43 -11.29
N TYR B 111 -2.41 4.77 -10.96
CA TYR B 111 -3.42 5.08 -11.96
C TYR B 111 -3.62 6.59 -12.03
N PHE B 112 -3.63 7.14 -13.23
CA PHE B 112 -3.88 8.56 -13.43
C PHE B 112 -5.36 8.83 -13.18
N ASP B 113 -5.68 9.39 -12.01
CA ASP B 113 -7.06 9.51 -11.57
C ASP B 113 -7.75 10.76 -12.09
N TYR B 114 -7.01 11.85 -12.30
CA TYR B 114 -7.60 13.08 -12.81
C TYR B 114 -6.76 13.61 -13.96
N TRP B 115 -7.44 14.09 -15.00
CA TRP B 115 -6.80 14.51 -16.23
C TRP B 115 -7.18 15.95 -16.56
N GLY B 116 -6.26 16.65 -17.21
CA GLY B 116 -6.57 17.95 -17.76
C GLY B 116 -7.27 17.84 -19.10
N GLN B 117 -7.71 18.98 -19.61
CA GLN B 117 -8.41 18.99 -20.90
C GLN B 117 -7.48 18.81 -22.08
N GLY B 118 -6.18 19.05 -21.91
CA GLY B 118 -5.24 18.88 -23.01
C GLY B 118 -5.03 20.15 -23.80
N THR B 119 -3.80 20.33 -24.26
CA THR B 119 -3.40 21.49 -25.05
C THR B 119 -2.90 21.01 -26.40
N THR B 120 -3.48 21.54 -27.48
CA THR B 120 -3.04 21.18 -28.82
C THR B 120 -1.84 22.04 -29.20
N LEU B 121 -0.76 21.39 -29.61
CA LEU B 121 0.46 22.06 -30.02
C LEU B 121 0.72 21.75 -31.48
N THR B 122 0.95 22.80 -32.27
CA THR B 122 1.16 22.68 -33.70
C THR B 122 2.53 23.24 -34.06
N VAL B 123 3.29 22.49 -34.86
CA VAL B 123 4.59 22.90 -35.35
C VAL B 123 4.52 22.95 -36.86
N SER B 124 4.77 24.14 -37.43
CA SER B 124 4.71 24.32 -38.87
C SER B 124 5.49 25.56 -39.25
N SER B 125 6.18 25.50 -40.38
CA SER B 125 6.91 26.67 -40.87
C SER B 125 5.96 27.74 -41.36
N ALA B 126 4.89 27.35 -42.05
CA ALA B 126 3.89 28.27 -42.59
C ALA B 126 4.52 29.34 -43.48
N ASP C 6 10.93 -2.48 -23.08
CA ASP C 6 9.65 -1.95 -22.61
C ASP C 6 8.53 -2.95 -22.84
N ILE C 7 7.37 -2.70 -22.23
CA ILE C 7 6.21 -3.56 -22.38
C ILE C 7 5.28 -2.95 -23.41
N GLN C 8 4.95 -3.72 -24.44
CA GLN C 8 4.04 -3.26 -25.48
C GLN C 8 2.65 -3.81 -25.25
N MET C 9 1.66 -2.92 -25.29
CA MET C 9 0.27 -3.30 -25.11
C MET C 9 -0.44 -3.22 -26.46
N THR C 10 -1.20 -4.27 -26.78
CA THR C 10 -1.84 -4.40 -28.09
C THR C 10 -3.33 -4.59 -27.90
N GLN C 11 -4.11 -3.70 -28.52
CA GLN C 11 -5.56 -3.84 -28.62
C GLN C 11 -5.86 -4.25 -30.05
N THR C 12 -6.14 -5.55 -30.24
CA THR C 12 -6.25 -6.09 -31.59
C THR C 12 -7.39 -5.46 -32.37
N THR C 13 -8.56 -5.33 -31.73
CA THR C 13 -9.75 -4.79 -32.40
C THR C 13 -9.74 -3.27 -32.23
N SER C 14 -9.14 -2.58 -33.21
CA SER C 14 -9.07 -1.12 -33.14
C SER C 14 -10.46 -0.49 -33.17
N SER C 15 -11.36 -1.01 -33.99
CA SER C 15 -12.74 -0.54 -34.04
C SER C 15 -13.66 -1.73 -33.79
N LEU C 16 -14.69 -1.50 -32.96
CA LEU C 16 -15.58 -2.58 -32.53
C LEU C 16 -17.01 -2.09 -32.67
N SER C 17 -17.77 -2.69 -33.58
CA SER C 17 -19.17 -2.34 -33.75
C SER C 17 -20.00 -2.91 -32.61
N ALA C 18 -21.03 -2.17 -32.20
CA ALA C 18 -21.88 -2.56 -31.09
C ALA C 18 -23.24 -1.90 -31.26
N SER C 19 -24.08 -2.04 -30.25
CA SER C 19 -25.41 -1.44 -30.24
C SER C 19 -25.84 -1.17 -28.80
N LEU C 20 -26.86 -0.32 -28.66
CA LEU C 20 -27.38 0.00 -27.35
C LEU C 20 -27.97 -1.24 -26.68
N GLY C 21 -27.78 -1.34 -25.37
CA GLY C 21 -28.33 -2.44 -24.60
C GLY C 21 -27.45 -3.67 -24.59
N ASP C 22 -26.75 -3.92 -25.68
CA ASP C 22 -25.91 -5.09 -25.79
C ASP C 22 -24.65 -4.93 -24.95
N ARG C 23 -24.01 -6.07 -24.66
CA ARG C 23 -22.77 -6.09 -23.89
C ARG C 23 -21.58 -6.00 -24.83
N VAL C 24 -20.53 -5.32 -24.37
CA VAL C 24 -19.34 -5.08 -25.17
C VAL C 24 -18.12 -5.51 -24.35
N THR C 25 -17.19 -6.19 -25.02
CA THR C 25 -15.95 -6.60 -24.38
C THR C 25 -14.77 -6.04 -25.16
N ILE C 26 -13.80 -5.49 -24.41
CA ILE C 26 -12.57 -4.95 -24.98
C ILE C 26 -11.40 -5.66 -24.31
N SER C 27 -10.52 -6.24 -25.13
CA SER C 27 -9.41 -7.05 -24.62
C SER C 27 -8.09 -6.58 -25.19
N CYS C 28 -7.10 -6.44 -24.31
CA CYS C 28 -5.74 -6.11 -24.74
C CYS C 28 -4.78 -7.08 -24.07
N ARG C 29 -3.68 -7.37 -24.78
CA ARG C 29 -2.71 -8.36 -24.34
C ARG C 29 -1.34 -7.71 -24.18
N ALA C 30 -0.66 -8.06 -23.09
CA ALA C 30 0.65 -7.48 -22.78
C ALA C 30 1.76 -8.32 -23.40
N SER C 31 2.90 -7.66 -23.64
CA SER C 31 4.07 -8.36 -24.16
C SER C 31 4.63 -9.34 -23.14
N GLN C 32 4.44 -9.09 -21.85
CA GLN C 32 4.89 -9.98 -20.81
C GLN C 32 4.00 -9.80 -19.60
N ASP C 33 4.18 -10.67 -18.61
CA ASP C 33 3.34 -10.64 -17.41
C ASP C 33 3.50 -9.30 -16.69
N ILE C 34 2.36 -8.71 -16.32
CA ILE C 34 2.33 -7.42 -15.64
C ILE C 34 1.71 -7.50 -14.25
N ARG C 35 1.28 -8.69 -13.83
CA ARG C 35 0.85 -8.93 -12.44
C ARG C 35 -0.39 -8.10 -12.08
N ASN C 36 -1.40 -8.16 -12.94
CA ASN C 36 -2.71 -7.53 -12.69
C ASN C 36 -2.61 -6.02 -12.53
N TYR C 37 -1.59 -5.40 -13.10
CA TYR C 37 -1.44 -3.93 -13.05
C TYR C 37 -1.92 -3.30 -14.36
N LEU C 38 -3.22 -3.37 -14.60
CA LEU C 38 -3.80 -2.83 -15.82
C LEU C 38 -4.94 -1.87 -15.50
N ASN C 39 -4.77 -0.61 -15.86
CA ASN C 39 -5.81 0.39 -15.70
C ASN C 39 -6.46 0.68 -17.05
N TRP C 40 -7.76 0.96 -17.02
CA TRP C 40 -8.53 1.27 -18.20
C TRP C 40 -8.93 2.74 -18.18
N TYR C 41 -8.85 3.39 -19.34
CA TYR C 41 -9.17 4.81 -19.47
C TYR C 41 -10.17 5.01 -20.58
N GLN C 42 -11.09 5.95 -20.38
CA GLN C 42 -12.10 6.31 -21.37
C GLN C 42 -11.84 7.72 -21.88
N GLN C 43 -11.71 7.85 -23.20
CA GLN C 43 -11.49 9.15 -23.84
C GLN C 43 -12.70 9.47 -24.69
N LYS C 44 -13.53 10.42 -24.22
CA LYS C 44 -14.70 10.82 -24.96
C LYS C 44 -14.30 11.54 -26.24
N PRO C 45 -15.20 11.59 -27.23
CA PRO C 45 -14.88 12.34 -28.46
C PRO C 45 -14.66 13.82 -28.23
N ASP C 46 -15.13 14.36 -27.11
CA ASP C 46 -14.82 15.75 -26.77
C ASP C 46 -13.36 15.96 -26.45
N GLY C 47 -12.64 14.90 -26.08
CA GLY C 47 -11.23 14.97 -25.78
C GLY C 47 -10.86 14.74 -24.33
N THR C 48 -11.84 14.67 -23.43
CA THR C 48 -11.57 14.46 -22.02
C THR C 48 -11.28 12.99 -21.75
N VAL C 49 -10.32 12.75 -20.87
CA VAL C 49 -9.91 11.39 -20.50
C VAL C 49 -10.39 11.10 -19.09
N LYS C 50 -10.98 9.92 -18.90
CA LYS C 50 -11.53 9.52 -17.61
C LYS C 50 -11.05 8.11 -17.28
N LEU C 51 -10.88 7.86 -15.99
CA LEU C 51 -10.42 6.57 -15.49
C LEU C 51 -11.63 5.72 -15.08
N LEU C 52 -11.70 4.50 -15.59
CA LEU C 52 -12.79 3.58 -15.26
C LEU C 52 -12.37 2.51 -14.25
N ILE C 53 -11.34 1.74 -14.58
CA ILE C 53 -10.93 0.59 -13.78
C ILE C 53 -9.43 0.68 -13.53
N TYR C 54 -9.02 0.39 -12.29
CA TYR C 54 -7.62 0.34 -11.94
C TYR C 54 -7.29 -1.01 -11.31
N TYR C 55 -6.00 -1.21 -11.02
CA TYR C 55 -5.45 -2.51 -10.67
C TYR C 55 -5.80 -3.52 -11.76
N THR C 56 -6.81 -4.35 -11.53
CA THR C 56 -7.35 -5.17 -12.61
C THR C 56 -8.86 -5.22 -12.66
N SER C 57 -9.57 -5.00 -11.55
CA SER C 57 -11.03 -5.03 -11.55
C SER C 57 -11.64 -3.97 -10.66
N ARG C 58 -10.84 -3.06 -10.10
CA ARG C 58 -11.34 -2.09 -9.12
C ARG C 58 -11.96 -0.90 -9.85
N LEU C 59 -13.20 -0.57 -9.49
CA LEU C 59 -13.89 0.57 -10.07
C LEU C 59 -13.50 1.85 -9.36
N HIS C 60 -13.15 2.87 -10.14
CA HIS C 60 -12.85 4.17 -9.58
C HIS C 60 -14.12 4.79 -9.00
N SER C 61 -13.93 5.69 -8.03
CA SER C 61 -15.06 6.31 -7.36
C SER C 61 -15.91 7.10 -8.35
N GLY C 62 -17.22 6.84 -8.32
CA GLY C 62 -18.15 7.51 -9.21
C GLY C 62 -18.37 6.82 -10.54
N VAL C 63 -17.57 5.81 -10.87
CA VAL C 63 -17.76 5.09 -12.14
C VAL C 63 -19.02 4.24 -12.05
N PRO C 64 -19.87 4.24 -13.07
CA PRO C 64 -21.08 3.40 -13.02
C PRO C 64 -20.73 1.92 -12.97
N SER C 65 -21.64 1.15 -12.37
CA SER C 65 -21.43 -0.28 -12.20
C SER C 65 -21.44 -1.06 -13.51
N ARG C 66 -21.84 -0.42 -14.62
CA ARG C 66 -21.86 -1.10 -15.90
C ARG C 66 -20.48 -1.60 -16.30
N PHE C 67 -19.44 -0.89 -15.91
CA PHE C 67 -18.07 -1.24 -16.29
C PHE C 67 -17.52 -2.29 -15.35
N SER C 68 -16.77 -3.24 -15.91
CA SER C 68 -16.13 -4.29 -15.13
C SER C 68 -14.89 -4.75 -15.86
N GLY C 69 -13.96 -5.33 -15.12
CA GLY C 69 -12.71 -5.79 -15.70
C GLY C 69 -12.28 -7.11 -15.09
N SER C 70 -11.52 -7.87 -15.87
CA SER C 70 -11.01 -9.15 -15.42
C SER C 70 -9.83 -9.55 -16.30
N GLY C 71 -9.04 -10.48 -15.81
CA GLY C 71 -7.90 -10.97 -16.56
C GLY C 71 -6.76 -11.34 -15.63
N SER C 72 -5.76 -11.99 -16.22
CA SER C 72 -4.59 -12.43 -15.47
C SER C 72 -3.43 -12.60 -16.43
N GLY C 73 -2.23 -12.60 -15.87
CA GLY C 73 -1.02 -12.79 -16.66
C GLY C 73 -0.82 -11.72 -17.71
N THR C 74 -0.98 -12.08 -18.98
CA THR C 74 -0.80 -11.16 -20.09
C THR C 74 -2.10 -10.76 -20.77
N ASP C 75 -3.21 -11.45 -20.50
CA ASP C 75 -4.48 -11.21 -21.16
C ASP C 75 -5.47 -10.62 -20.16
N TYR C 76 -6.08 -9.50 -20.53
CA TYR C 76 -7.07 -8.83 -19.70
C TYR C 76 -8.19 -8.31 -20.59
N SER C 77 -9.32 -8.00 -19.98
CA SER C 77 -10.49 -7.57 -20.74
C SER C 77 -11.31 -6.59 -19.92
N LEU C 78 -12.05 -5.74 -20.64
CA LEU C 78 -12.97 -4.78 -20.05
C LEU C 78 -14.34 -4.99 -20.67
N THR C 79 -15.37 -5.11 -19.82
CA THR C 79 -16.71 -5.43 -20.28
C THR C 79 -17.70 -4.38 -19.79
N ILE C 80 -18.72 -4.14 -20.61
CA ILE C 80 -19.84 -3.26 -20.26
C ILE C 80 -21.10 -4.10 -20.26
N SER C 81 -21.85 -4.03 -19.16
CA SER C 81 -23.04 -4.87 -19.02
C SER C 81 -24.08 -4.56 -20.09
N ASN C 82 -24.43 -3.29 -20.23
CA ASN C 82 -25.35 -2.83 -21.29
C ASN C 82 -24.88 -1.48 -21.80
N LEU C 83 -24.60 -1.42 -23.11
CA LEU C 83 -24.04 -0.21 -23.70
C LEU C 83 -25.06 0.91 -23.72
N GLU C 84 -24.68 2.06 -23.18
CA GLU C 84 -25.51 3.25 -23.23
C GLU C 84 -24.97 4.22 -24.28
N GLN C 85 -25.79 5.23 -24.61
CA GLN C 85 -25.38 6.19 -25.63
C GLN C 85 -24.14 6.97 -25.20
N GLU C 86 -24.05 7.32 -23.91
CA GLU C 86 -22.90 8.06 -23.41
C GLU C 86 -21.65 7.21 -23.29
N ASP C 87 -21.75 5.90 -23.48
CA ASP C 87 -20.60 5.01 -23.38
C ASP C 87 -19.77 4.96 -24.65
N ILE C 88 -20.18 5.64 -25.71
CA ILE C 88 -19.46 5.60 -26.97
C ILE C 88 -18.23 6.50 -26.86
N ALA C 89 -17.05 5.90 -26.85
CA ALA C 89 -15.79 6.61 -26.71
C ALA C 89 -14.66 5.66 -27.12
N THR C 90 -13.42 6.09 -26.89
CA THR C 90 -12.24 5.27 -27.15
C THR C 90 -11.67 4.82 -25.82
N TYR C 91 -11.34 3.54 -25.72
CA TYR C 91 -10.91 2.93 -24.47
C TYR C 91 -9.46 2.47 -24.58
N PHE C 92 -8.63 2.93 -23.66
CA PHE C 92 -7.21 2.58 -23.61
C PHE C 92 -6.93 1.76 -22.36
N CYS C 93 -5.98 0.83 -22.48
CA CYS C 93 -5.51 0.04 -21.36
C CYS C 93 -4.05 0.36 -21.09
N GLN C 94 -3.73 0.65 -19.84
CA GLN C 94 -2.38 1.02 -19.43
C GLN C 94 -1.83 -0.02 -18.47
N GLN C 95 -0.55 -0.35 -18.62
CA GLN C 95 0.15 -1.24 -17.71
C GLN C 95 1.04 -0.43 -16.78
N THR C 96 1.01 -0.75 -15.50
CA THR C 96 1.79 -0.05 -14.49
C THR C 96 2.67 -1.02 -13.71
N ASN C 97 3.28 -1.98 -14.41
CA ASN C 97 4.16 -2.95 -13.80
C ASN C 97 5.62 -2.51 -13.87
N THR C 98 6.11 -2.25 -15.07
CA THR C 98 7.46 -1.74 -15.26
C THR C 98 7.42 -0.23 -15.43
N LEU C 99 8.41 0.44 -14.84
CA LEU C 99 8.35 1.89 -14.66
C LEU C 99 8.01 2.70 -15.90
N PRO C 100 8.55 2.40 -17.10
CA PRO C 100 8.10 3.15 -18.28
C PRO C 100 6.68 2.78 -18.68
N TRP C 101 5.70 3.42 -18.05
CA TRP C 101 4.29 3.12 -18.31
C TRP C 101 3.99 3.23 -19.80
N THR C 102 3.23 2.26 -20.32
CA THR C 102 2.85 2.25 -21.72
C THR C 102 1.34 2.06 -21.83
N PHE C 103 0.78 2.63 -22.89
CA PHE C 103 -0.65 2.55 -23.15
C PHE C 103 -0.91 1.67 -24.36
N GLY C 104 -2.16 1.23 -24.48
CA GLY C 104 -2.59 0.47 -25.64
C GLY C 104 -2.93 1.37 -26.81
N GLY C 105 -3.34 0.73 -27.91
CA GLY C 105 -3.73 1.46 -29.10
C GLY C 105 -5.09 2.13 -29.05
N GLY C 106 -5.94 1.70 -28.13
CA GLY C 106 -7.27 2.28 -28.02
C GLY C 106 -8.26 1.63 -28.97
N THR C 107 -9.48 1.42 -28.46
CA THR C 107 -10.56 0.83 -29.24
C THR C 107 -11.74 1.78 -29.24
N LYS C 108 -12.25 2.10 -30.42
CA LYS C 108 -13.37 3.00 -30.58
C LYS C 108 -14.64 2.19 -30.79
N LEU C 109 -15.66 2.45 -29.98
CA LEU C 109 -16.93 1.76 -30.11
C LEU C 109 -17.82 2.47 -31.09
N GLU C 110 -18.61 1.69 -31.83
CA GLU C 110 -19.48 2.19 -32.88
C GLU C 110 -20.86 1.58 -32.74
N ILE C 111 -21.83 2.21 -33.38
CA ILE C 111 -23.22 1.77 -33.37
C ILE C 111 -23.48 0.93 -34.61
N LYS C 112 -24.15 -0.21 -34.42
CA LYS C 112 -24.48 -1.08 -35.54
C LYS C 112 -25.42 -0.39 -36.52
N ARG C 113 -25.25 -0.70 -37.80
CA ARG C 113 -25.99 -0.04 -38.86
C ARG C 113 -26.55 -1.10 -39.81
N THR C 114 -27.59 -0.70 -40.54
CA THR C 114 -28.25 -1.55 -41.53
C THR C 114 -28.71 -2.87 -40.92
C1 NAG D . 24.92 -1.15 24.95
C2 NAG D . 26.42 -1.31 24.74
C3 NAG D . 27.18 -0.33 25.64
C4 NAG D . 26.67 1.09 25.43
C5 NAG D . 25.16 1.14 25.59
C6 NAG D . 24.57 2.49 25.26
C7 NAG D . 26.89 -3.63 24.07
C8 NAG D . 27.35 -4.98 24.53
N2 NAG D . 26.84 -2.67 25.01
O3 NAG D . 28.57 -0.42 25.34
O4 NAG D . 27.24 1.95 26.40
O5 NAG D . 24.54 0.20 24.70
O6 NAG D . 23.16 2.47 25.30
O7 NAG D . 26.58 -3.40 22.91
C1 NAG D . 28.39 2.68 25.90
C2 NAG D . 29.55 2.43 26.88
C3 NAG D . 30.83 3.10 26.37
C4 NAG D . 31.12 2.67 24.94
C5 NAG D . 29.91 2.94 24.05
C6 NAG D . 30.10 2.47 22.64
C7 NAG D . 28.48 2.17 29.07
C8 NAG D . 28.23 2.81 30.41
N2 NAG D . 29.22 2.89 28.21
O3 NAG D . 31.91 2.75 27.22
O4 NAG D . 32.25 3.39 24.45
O5 NAG D . 28.76 2.25 24.58
O6 NAG D . 31.32 2.96 22.09
O7 NAG D . 28.03 1.07 28.79
#